data_7WQR
#
_entry.id   7WQR
#
_cell.length_a   40.091
_cell.length_b   52.741
_cell.length_c   77.197
_cell.angle_alpha   77.490
_cell.angle_beta   86.800
_cell.angle_gamma   77.850
#
_symmetry.space_group_name_H-M   'P 1'
#
loop_
_entity.id
_entity.type
_entity.pdbx_description
1 polymer 'Aldo-keto reductase family 1 member C3'
2 non-polymer 'NADP NICOTINAMIDE-ADENINE-DINUCLEOTIDE PHOSPHATE'
3 non-polymer ~{N}-(3-chlorophenyl)-2-[(3,5-dimethyl-1,2-oxazol-4-yl)methoxy]benzamide
4 water water
#
_entity_poly.entity_id   1
_entity_poly.type   'polypeptide(L)'
_entity_poly.pdbx_seq_one_letter_code
;MHHHHHHDSKHQCVKLNDGHFMPVLGFGTYAPPEVPRSKALEVTKLAIEAGFRHIDSAHLYNNEEQVGLAIRSKIADGSV
KREDIFYTSKLWSTFHRPELVRPALENSLKKAQLDYVDLYLIHSPMSLKPGEELSPTDENGKVIFDIVDLCTTWEAMEKC
KDAGLAKSIGVSNFNRRQLEMILNKPGLKYKPVCNQVECHPYFNRSKLLDFCKSKDIVLVAYSALGSQRDKRWVDPNSPV
LLEDPVLCALAKKHKRTPALIALRYQLQRGVVVLAKSYNEQRIRQNVQVFEFQLTAEDMKAIDGLDRNLHYFNSDSFASH
PNYPYSDEY
;
_entity_poly.pdbx_strand_id   A,B
#
# COMPACT_ATOMS: atom_id res chain seq x y z
N GLN A 12 -7.90 -9.64 -0.43
CA GLN A 12 -9.33 -10.00 -0.58
C GLN A 12 -10.17 -8.71 -0.55
N CYS A 13 -10.20 -7.98 -1.66
CA CYS A 13 -10.93 -6.70 -1.70
C CYS A 13 -11.86 -6.60 -2.90
N VAL A 14 -12.63 -5.51 -2.93
CA VAL A 14 -13.51 -5.19 -4.04
C VAL A 14 -13.17 -3.78 -4.51
N LYS A 15 -12.97 -3.62 -5.82
CA LYS A 15 -12.65 -2.31 -6.36
C LYS A 15 -13.83 -1.36 -6.18
N LEU A 16 -13.53 -0.12 -5.80
CA LEU A 16 -14.54 0.91 -5.60
C LEU A 16 -14.63 1.79 -6.85
N ASN A 17 -15.75 2.51 -6.95
CA ASN A 17 -15.97 3.26 -8.19
C ASN A 17 -15.09 4.51 -8.32
N ASP A 18 -14.12 4.76 -7.44
CA ASP A 18 -13.13 5.81 -7.66
C ASP A 18 -11.72 5.25 -7.82
N GLY A 19 -11.57 3.93 -7.90
CA GLY A 19 -10.26 3.36 -8.18
C GLY A 19 -9.65 2.58 -7.02
N HIS A 20 -9.79 3.08 -5.80
CA HIS A 20 -9.16 2.42 -4.67
C HIS A 20 -9.94 1.17 -4.26
N PHE A 21 -9.33 0.38 -3.39
CA PHE A 21 -9.83 -0.95 -3.05
C PHE A 21 -10.22 -1.00 -1.58
N MET A 22 -11.26 -1.77 -1.28
CA MET A 22 -11.78 -1.91 0.07
C MET A 22 -11.78 -3.39 0.46
N PRO A 23 -11.12 -3.77 1.56
CA PRO A 23 -11.21 -5.16 2.01
C PRO A 23 -12.64 -5.56 2.31
N VAL A 24 -13.02 -6.75 1.87
CA VAL A 24 -14.42 -7.16 1.96
C VAL A 24 -14.83 -7.53 3.38
N LEU A 25 -13.88 -7.80 4.27
CA LEU A 25 -14.16 -8.07 5.67
C LEU A 25 -13.61 -6.92 6.51
N GLY A 26 -14.49 -6.32 7.31
CA GLY A 26 -14.08 -5.19 8.13
C GLY A 26 -14.28 -5.43 9.61
N PHE A 27 -13.58 -4.64 10.43
CA PHE A 27 -13.67 -4.76 11.89
C PHE A 27 -14.51 -3.62 12.45
N GLY A 28 -15.51 -3.97 13.25
CA GLY A 28 -16.35 -2.99 13.90
C GLY A 28 -15.79 -2.64 15.27
N THR A 29 -15.66 -1.35 15.54
CA THR A 29 -14.99 -0.88 16.74
C THR A 29 -15.93 -0.31 17.80
N TYR A 30 -17.23 -0.21 17.53
CA TYR A 30 -18.11 0.39 18.51
C TYR A 30 -18.32 -0.54 19.70
N ALA A 31 -18.23 0.02 20.90
CA ALA A 31 -18.61 -0.62 22.15
C ALA A 31 -19.32 0.43 22.99
N PRO A 32 -20.31 0.01 23.81
CA PRO A 32 -21.04 0.99 24.59
C PRO A 32 -20.12 1.78 25.49
N PRO A 33 -20.51 2.99 25.87
CA PRO A 33 -19.66 3.80 26.77
C PRO A 33 -19.38 3.13 28.10
N GLU A 34 -20.09 2.04 28.43
CA GLU A 34 -19.78 1.29 29.64
C GLU A 34 -18.48 0.51 29.53
N VAL A 35 -17.99 0.30 28.31
CA VAL A 35 -16.76 -0.45 28.08
C VAL A 35 -15.58 0.49 28.19
N PRO A 36 -14.56 0.19 29.00
CA PRO A 36 -13.42 1.09 29.12
C PRO A 36 -12.76 1.34 27.78
N ARG A 37 -12.40 2.61 27.55
CA ARG A 37 -11.79 3.07 26.29
C ARG A 37 -10.49 2.33 25.96
N SER A 38 -9.78 1.80 26.95
CA SER A 38 -8.55 1.08 26.69
C SER A 38 -8.79 -0.19 25.88
N LYS A 39 -10.00 -0.74 25.92
CA LYS A 39 -10.29 -1.97 25.18
C LYS A 39 -10.19 -1.75 23.68
N ALA A 40 -10.65 -0.59 23.19
CA ALA A 40 -10.63 -0.34 21.74
C ALA A 40 -9.21 -0.37 21.18
N LEU A 41 -8.21 -0.08 22.03
CA LEU A 41 -6.83 -0.19 21.60
C LEU A 41 -6.38 -1.65 21.54
N GLU A 42 -6.72 -2.44 22.56
CA GLU A 42 -6.27 -3.82 22.62
C GLU A 42 -6.92 -4.67 21.52
N VAL A 43 -8.21 -4.49 21.29
CA VAL A 43 -8.90 -5.35 20.33
C VAL A 43 -8.64 -4.95 18.88
N THR A 44 -8.29 -3.69 18.63
CA THR A 44 -7.96 -3.30 17.25
C THR A 44 -6.60 -3.86 16.85
N LYS A 45 -5.69 -3.98 17.82
CA LYS A 45 -4.38 -4.61 17.53
C LYS A 45 -4.62 -6.11 17.31
N LEU A 46 -5.45 -6.73 18.14
CA LEU A 46 -5.73 -8.15 17.97
C LEU A 46 -6.43 -8.42 16.65
N ALA A 47 -7.30 -7.51 16.22
CA ALA A 47 -7.96 -7.67 14.93
C ALA A 47 -6.96 -7.59 13.78
N ILE A 48 -5.98 -6.68 13.89
CA ILE A 48 -4.97 -6.55 12.84
C ILE A 48 -4.05 -7.77 12.85
N GLU A 49 -3.67 -8.24 14.05
CA GLU A 49 -2.89 -9.47 14.13
C GLU A 49 -3.66 -10.67 13.59
N ALA A 50 -4.98 -10.68 13.77
CA ALA A 50 -5.80 -11.80 13.30
C ALA A 50 -6.00 -11.78 11.80
N GLY A 51 -5.81 -10.64 11.14
CA GLY A 51 -5.91 -10.58 9.70
C GLY A 51 -6.80 -9.49 9.15
N PHE A 52 -7.41 -8.70 10.02
CA PHE A 52 -8.24 -7.59 9.55
C PHE A 52 -7.36 -6.46 9.03
N ARG A 53 -7.76 -5.90 7.89
CA ARG A 53 -7.14 -4.70 7.35
C ARG A 53 -8.15 -3.59 7.11
N HIS A 54 -9.42 -3.84 7.38
CA HIS A 54 -10.51 -2.88 7.22
C HIS A 54 -11.07 -2.60 8.61
N ILE A 55 -11.01 -1.34 9.04
CA ILE A 55 -11.37 -0.94 10.40
C ILE A 55 -12.43 0.15 10.33
N ASP A 56 -13.60 -0.11 10.94
CA ASP A 56 -14.72 0.82 10.89
C ASP A 56 -14.81 1.58 12.21
N SER A 57 -14.63 2.90 12.14
CA SER A 57 -14.75 3.76 13.30
C SER A 57 -15.62 4.97 12.93
N ALA A 58 -15.81 5.87 13.87
CA ALA A 58 -16.64 7.05 13.67
C ALA A 58 -16.43 8.01 14.83
N HIS A 59 -16.73 9.29 14.57
CA HIS A 59 -16.66 10.29 15.62
C HIS A 59 -17.64 9.99 16.74
N LEU A 60 -18.74 9.30 16.44
CA LEU A 60 -19.73 8.97 17.45
C LEU A 60 -19.20 7.98 18.48
N TYR A 61 -18.31 7.08 18.07
CA TYR A 61 -17.93 5.96 18.92
C TYR A 61 -16.96 6.34 20.03
N ASN A 62 -16.45 7.58 20.03
CA ASN A 62 -15.55 8.06 21.08
C ASN A 62 -14.35 7.13 21.27
N ASN A 63 -13.78 6.65 20.14
CA ASN A 63 -12.66 5.72 20.23
C ASN A 63 -11.57 5.92 19.18
N GLU A 64 -11.52 7.06 18.49
CA GLU A 64 -10.59 7.19 17.36
C GLU A 64 -9.12 7.26 17.80
N GLU A 65 -8.86 7.65 19.05
CA GLU A 65 -7.47 7.71 19.50
C GLU A 65 -6.92 6.32 19.77
N GLN A 66 -7.68 5.51 20.50
CA GLN A 66 -7.31 4.12 20.74
C GLN A 66 -7.26 3.33 19.42
N VAL A 67 -8.21 3.60 18.51
CA VAL A 67 -8.20 2.91 17.23
C VAL A 67 -7.01 3.38 16.38
N GLY A 68 -6.83 4.70 16.29
CA GLY A 68 -5.69 5.23 15.55
C GLY A 68 -4.36 4.87 16.18
N LEU A 69 -4.30 4.81 17.51
CA LEU A 69 -3.09 4.37 18.19
C LEU A 69 -2.77 2.91 17.85
N ALA A 70 -3.78 2.06 17.83
CA ALA A 70 -3.56 0.65 17.50
C ALA A 70 -3.06 0.50 16.07
N ILE A 71 -3.65 1.27 15.14
CA ILE A 71 -3.17 1.24 13.75
C ILE A 71 -1.76 1.78 13.67
N ARG A 72 -1.52 2.94 14.30
CA ARG A 72 -0.19 3.54 14.28
C ARG A 72 0.84 2.64 14.95
N SER A 73 0.42 1.81 15.90
CA SER A 73 1.37 0.97 16.61
C SER A 73 1.70 -0.30 15.84
N LYS A 74 0.74 -0.85 15.09
CA LYS A 74 1.03 -2.00 14.25
C LYS A 74 1.87 -1.61 13.04
N ILE A 75 1.68 -0.38 12.53
CA ILE A 75 2.58 0.14 11.50
C ILE A 75 3.99 0.32 12.08
N ALA A 76 4.08 0.73 13.34
CA ALA A 76 5.37 1.08 13.92
C ALA A 76 6.21 -0.13 14.28
N ASP A 77 5.58 -1.23 14.71
CA ASP A 77 6.34 -2.44 15.03
C ASP A 77 6.63 -3.29 13.79
N GLY A 78 6.24 -2.82 12.60
CA GLY A 78 6.55 -3.53 11.37
C GLY A 78 5.60 -4.64 10.98
N SER A 79 4.46 -4.77 11.65
CA SER A 79 3.49 -5.81 11.28
C SER A 79 2.77 -5.46 9.98
N VAL A 80 2.67 -4.17 9.66
CA VAL A 80 1.76 -3.69 8.63
C VAL A 80 2.20 -2.30 8.22
N LYS A 81 1.80 -1.87 7.02
CA LYS A 81 2.07 -0.52 6.57
C LYS A 81 0.76 0.23 6.36
N ARG A 82 0.86 1.56 6.29
CA ARG A 82 -0.33 2.40 6.23
C ARG A 82 -1.19 2.07 5.02
N GLU A 83 -0.57 1.64 3.91
CA GLU A 83 -1.35 1.28 2.73
C GLU A 83 -2.12 -0.02 2.93
N ASP A 84 -1.65 -0.89 3.82
CA ASP A 84 -2.37 -2.14 4.08
C ASP A 84 -3.64 -1.92 4.89
N ILE A 85 -3.79 -0.76 5.53
CA ILE A 85 -4.90 -0.51 6.44
C ILE A 85 -5.93 0.34 5.74
N PHE A 86 -7.19 -0.13 5.75
CA PHE A 86 -8.33 0.63 5.25
C PHE A 86 -9.09 1.16 6.47
N TYR A 87 -8.82 2.40 6.83
CA TYR A 87 -9.44 3.04 7.99
C TYR A 87 -10.64 3.86 7.57
N THR A 88 -11.71 3.79 8.36
CA THR A 88 -12.97 4.44 8.03
C THR A 88 -13.46 5.27 9.21
N SER A 89 -13.81 6.52 8.95
CA SER A 89 -14.48 7.37 9.93
C SER A 89 -15.77 7.88 9.32
N LYS A 90 -16.61 8.52 10.16
CA LYS A 90 -17.92 8.97 9.74
C LYS A 90 -18.19 10.38 10.26
N LEU A 91 -18.75 11.22 9.40
CA LEU A 91 -19.18 12.55 9.79
C LEU A 91 -20.51 12.46 10.53
N TRP A 92 -20.52 12.93 11.78
CA TRP A 92 -21.73 12.82 12.58
C TRP A 92 -22.77 13.86 12.16
N SER A 93 -24.01 13.63 12.55
CA SER A 93 -25.17 14.37 12.07
C SER A 93 -25.25 15.80 12.62
N THR A 94 -24.49 16.14 13.66
CA THR A 94 -24.44 17.52 14.11
C THR A 94 -23.50 18.37 13.25
N PHE A 95 -22.83 17.78 12.28
CA PHE A 95 -21.85 18.47 11.44
C PHE A 95 -22.28 18.48 9.97
N HIS A 96 -23.58 18.62 9.72
CA HIS A 96 -24.08 18.53 8.35
C HIS A 96 -24.08 19.86 7.61
N ARG A 97 -24.02 20.98 8.32
CA ARG A 97 -23.81 22.25 7.64
C ARG A 97 -22.45 22.19 6.92
N PRO A 98 -22.38 22.64 5.66
CA PRO A 98 -21.18 22.38 4.85
C PRO A 98 -19.90 22.93 5.46
N GLU A 99 -19.97 24.03 6.20
CA GLU A 99 -18.76 24.63 6.76
C GLU A 99 -18.18 23.79 7.90
N LEU A 100 -18.97 22.90 8.50
CA LEU A 100 -18.52 22.10 9.62
C LEU A 100 -17.92 20.76 9.21
N VAL A 101 -17.86 20.46 7.91
CA VAL A 101 -17.48 19.12 7.49
C VAL A 101 -15.97 18.93 7.55
N ARG A 102 -15.21 19.80 6.90
CA ARG A 102 -13.76 19.68 6.94
C ARG A 102 -13.19 19.80 8.35
N PRO A 103 -13.61 20.73 9.21
CA PRO A 103 -13.09 20.73 10.59
C PRO A 103 -13.40 19.45 11.35
N ALA A 104 -14.53 18.80 11.06
CA ALA A 104 -14.84 17.54 11.72
C ALA A 104 -13.87 16.43 11.29
N LEU A 105 -13.57 16.36 10.00
CA LEU A 105 -12.63 15.35 9.51
C LEU A 105 -11.23 15.60 10.03
N GLU A 106 -10.77 16.86 9.99
CA GLU A 106 -9.46 17.18 10.55
C GLU A 106 -9.39 16.85 12.03
N ASN A 107 -10.48 17.11 12.77
CA ASN A 107 -10.52 16.73 14.17
C ASN A 107 -10.43 15.22 14.35
N SER A 108 -11.11 14.46 13.48
CA SER A 108 -11.02 13.01 13.54
C SER A 108 -9.63 12.53 13.16
N LEU A 109 -8.95 13.25 12.27
CA LEU A 109 -7.58 12.89 11.91
C LEU A 109 -6.61 13.28 13.01
N LYS A 110 -6.75 14.49 13.56
CA LYS A 110 -5.93 14.89 14.71
C LYS A 110 -6.06 13.87 15.84
N LYS A 111 -7.28 13.44 16.10
CA LYS A 111 -7.57 12.51 17.21
C LYS A 111 -6.92 11.15 16.98
N ALA A 112 -7.04 10.63 15.76
CA ALA A 112 -6.51 9.32 15.42
C ALA A 112 -5.07 9.38 14.94
N GLN A 113 -4.55 10.58 14.70
CA GLN A 113 -3.14 10.72 14.42
C GLN A 113 -2.78 10.08 13.09
N LEU A 114 -3.64 10.26 12.10
CA LEU A 114 -3.44 9.80 10.74
C LEU A 114 -3.49 11.00 9.81
N ASP A 115 -2.81 10.88 8.67
CA ASP A 115 -2.80 11.97 7.70
C ASP A 115 -4.00 11.95 6.77
N TYR A 116 -4.70 10.81 6.70
CA TYR A 116 -5.88 10.67 5.85
C TYR A 116 -6.67 9.46 6.33
N VAL A 117 -7.98 9.50 6.08
CA VAL A 117 -8.83 8.32 6.23
C VAL A 117 -8.98 7.69 4.86
N ASP A 118 -9.04 6.35 4.83
CA ASP A 118 -9.32 5.68 3.58
C ASP A 118 -10.77 5.88 3.16
N LEU A 119 -11.66 6.13 4.12
CA LEU A 119 -13.08 6.26 3.82
C LEU A 119 -13.73 7.18 4.84
N TYR A 120 -14.40 8.23 4.34
CA TYR A 120 -15.18 9.13 5.18
C TYR A 120 -16.65 9.04 4.75
N LEU A 121 -17.53 8.79 5.73
CA LEU A 121 -18.93 8.56 5.45
C LEU A 121 -19.79 9.65 6.08
N ILE A 122 -20.92 9.93 5.44
CA ILE A 122 -22.00 10.65 6.09
C ILE A 122 -22.74 9.65 6.97
N HIS A 123 -22.65 9.82 8.28
CA HIS A 123 -23.08 8.78 9.21
C HIS A 123 -24.57 8.51 9.11
N SER A 124 -25.38 9.56 8.99
CA SER A 124 -26.83 9.44 8.96
C SER A 124 -27.40 10.54 8.08
N PRO A 125 -28.56 10.32 7.46
CA PRO A 125 -29.23 11.41 6.76
C PRO A 125 -30.03 12.33 7.68
N MET A 126 -30.28 11.92 8.92
CA MET A 126 -31.08 12.69 9.86
C MET A 126 -30.20 13.74 10.52
N SER A 127 -30.24 14.95 9.95
CA SER A 127 -29.41 16.04 10.44
C SER A 127 -29.88 16.51 11.81
N LEU A 128 -28.93 16.72 12.71
CA LEU A 128 -29.21 17.22 14.05
C LEU A 128 -28.60 18.61 14.22
N LYS A 129 -29.04 19.31 15.25
CA LYS A 129 -28.60 20.68 15.47
C LYS A 129 -27.10 20.72 15.76
N PRO A 130 -26.36 21.68 15.20
CA PRO A 130 -24.91 21.72 15.41
C PRO A 130 -24.56 22.06 16.84
N GLY A 131 -23.55 21.37 17.37
CA GLY A 131 -23.09 21.62 18.71
C GLY A 131 -22.12 20.55 19.14
N GLU A 132 -21.60 20.73 20.36
CA GLU A 132 -20.70 19.74 20.95
C GLU A 132 -21.43 18.51 21.45
N GLU A 133 -22.73 18.61 21.71
CA GLU A 133 -23.51 17.45 22.11
C GLU A 133 -23.73 16.53 20.91
N LEU A 134 -23.42 15.25 21.09
CA LEU A 134 -23.73 14.27 20.05
C LEU A 134 -25.22 14.14 19.83
N SER A 135 -26.01 14.42 20.86
CA SER A 135 -27.47 14.46 20.76
C SER A 135 -27.96 15.70 21.49
N PRO A 136 -28.24 16.79 20.78
CA PRO A 136 -28.80 17.97 21.44
C PRO A 136 -30.24 17.71 21.85
N THR A 137 -30.60 18.21 23.03
CA THR A 137 -31.94 18.05 23.57
C THR A 137 -32.43 19.40 24.09
N ASP A 138 -33.70 19.69 23.83
CA ASP A 138 -34.30 20.96 24.23
C ASP A 138 -34.82 20.88 25.65
N GLU A 139 -35.61 21.89 26.04
CA GLU A 139 -36.24 21.92 27.35
C GLU A 139 -36.95 20.62 27.68
N ASN A 140 -37.78 20.15 26.75
CA ASN A 140 -38.64 18.99 26.97
C ASN A 140 -37.93 17.66 26.77
N GLY A 141 -36.59 17.64 26.71
CA GLY A 141 -35.86 16.41 26.60
C GLY A 141 -35.92 15.72 25.27
N LYS A 142 -36.54 16.32 24.26
CA LYS A 142 -36.61 15.74 22.94
C LYS A 142 -35.44 16.20 22.09
N VAL A 143 -35.11 15.39 21.08
CA VAL A 143 -33.95 15.66 20.24
C VAL A 143 -34.28 16.79 19.27
N ILE A 144 -33.37 17.76 19.17
CA ILE A 144 -33.55 18.91 18.29
C ILE A 144 -33.02 18.55 16.91
N PHE A 145 -33.92 18.47 15.93
CA PHE A 145 -33.55 18.19 14.56
C PHE A 145 -32.93 19.44 13.91
N ASP A 146 -32.54 19.28 12.65
CA ASP A 146 -32.02 20.40 11.86
C ASP A 146 -32.28 20.10 10.39
N ILE A 147 -32.61 21.15 9.64
CA ILE A 147 -32.89 21.03 8.21
C ILE A 147 -31.66 21.49 7.45
N VAL A 148 -31.08 20.59 6.67
CA VAL A 148 -29.92 20.88 5.83
C VAL A 148 -30.09 20.15 4.51
N ASP A 149 -29.86 20.85 3.39
CA ASP A 149 -29.83 20.18 2.10
C ASP A 149 -28.57 19.32 2.03
N LEU A 150 -28.75 18.01 1.98
CA LEU A 150 -27.63 17.08 2.10
C LEU A 150 -26.67 17.16 0.93
N CYS A 151 -27.11 17.65 -0.23
CA CYS A 151 -26.21 17.82 -1.36
C CYS A 151 -25.15 18.88 -1.05
N THR A 152 -25.47 19.85 -0.20
CA THR A 152 -24.46 20.79 0.26
C THR A 152 -23.44 20.11 1.15
N THR A 153 -23.90 19.20 2.02
CA THR A 153 -22.96 18.40 2.80
C THR A 153 -22.05 17.59 1.91
N TRP A 154 -22.61 16.97 0.85
CA TRP A 154 -21.80 16.13 -0.02
C TRP A 154 -20.76 16.93 -0.79
N GLU A 155 -21.07 18.19 -1.13
CA GLU A 155 -20.07 19.04 -1.77
C GLU A 155 -18.89 19.27 -0.83
N ALA A 156 -19.17 19.56 0.44
CA ALA A 156 -18.10 19.68 1.42
C ALA A 156 -17.35 18.35 1.56
N MET A 157 -18.07 17.23 1.47
CA MET A 157 -17.40 15.93 1.46
C MET A 157 -16.51 15.79 0.24
N GLU A 158 -16.99 16.22 -0.93
CA GLU A 158 -16.20 16.11 -2.16
C GLU A 158 -14.91 16.90 -2.05
N LYS A 159 -14.96 18.09 -1.46
CA LYS A 159 -13.76 18.90 -1.31
C LYS A 159 -12.72 18.23 -0.42
N CYS A 160 -13.18 17.46 0.58
CA CYS A 160 -12.23 16.76 1.45
C CYS A 160 -11.42 15.73 0.68
N LYS A 161 -12.07 15.04 -0.26
CA LYS A 161 -11.34 14.11 -1.13
C LYS A 161 -10.34 14.87 -2.01
N ASP A 162 -10.77 16.00 -2.57
CA ASP A 162 -9.85 16.86 -3.31
C ASP A 162 -8.69 17.30 -2.42
N ALA A 163 -8.99 17.71 -1.19
CA ALA A 163 -7.93 18.10 -0.26
C ALA A 163 -7.00 16.96 0.08
N GLY A 164 -7.43 15.71 -0.13
CA GLY A 164 -6.60 14.56 0.14
C GLY A 164 -6.73 13.98 1.53
N LEU A 165 -7.65 14.50 2.34
CA LEU A 165 -7.86 13.97 3.69
C LEU A 165 -8.69 12.70 3.69
N ALA A 166 -9.46 12.45 2.64
CA ALA A 166 -10.26 11.23 2.51
C ALA A 166 -10.00 10.62 1.14
N LYS A 167 -9.47 9.39 1.14
CA LYS A 167 -9.21 8.71 -0.12
C LYS A 167 -10.50 8.44 -0.87
N SER A 168 -11.54 7.98 -0.17
CA SER A 168 -12.85 7.77 -0.74
C SER A 168 -13.91 8.32 0.22
N ILE A 169 -15.04 8.72 -0.33
CA ILE A 169 -16.15 9.23 0.47
C ILE A 169 -17.41 8.47 0.11
N GLY A 170 -18.28 8.31 1.09
CA GLY A 170 -19.53 7.61 0.89
C GLY A 170 -20.56 8.06 1.90
N VAL A 171 -21.63 7.27 2.02
CA VAL A 171 -22.74 7.58 2.90
C VAL A 171 -23.06 6.34 3.74
N SER A 172 -24.05 6.51 4.63
CA SER A 172 -24.48 5.45 5.52
C SER A 172 -25.93 5.68 5.92
N ASN A 173 -26.70 4.59 5.97
CA ASN A 173 -28.12 4.64 6.31
C ASN A 173 -28.92 5.47 5.33
N PHE A 174 -28.56 5.38 4.05
CA PHE A 174 -29.26 6.05 2.97
C PHE A 174 -30.18 5.06 2.27
N ASN A 175 -31.46 5.41 2.15
CA ASN A 175 -32.38 4.60 1.37
C ASN A 175 -32.19 4.89 -0.11
N ARG A 176 -33.09 4.36 -0.95
CA ARG A 176 -32.96 4.56 -2.38
C ARG A 176 -33.18 6.02 -2.76
N ARG A 177 -34.20 6.65 -2.21
CA ARG A 177 -34.51 8.03 -2.56
C ARG A 177 -33.37 8.97 -2.16
N GLN A 178 -32.86 8.80 -0.92
CA GLN A 178 -31.75 9.63 -0.47
C GLN A 178 -30.49 9.37 -1.31
N LEU A 179 -30.30 8.14 -1.77
CA LEU A 179 -29.14 7.84 -2.62
C LEU A 179 -29.26 8.54 -3.97
N GLU A 180 -30.45 8.55 -4.55
CA GLU A 180 -30.65 9.20 -5.85
C GLU A 180 -30.48 10.71 -5.74
N MET A 181 -30.83 11.29 -4.59
CA MET A 181 -30.62 12.73 -4.39
C MET A 181 -29.14 13.09 -4.57
N ILE A 182 -28.24 12.23 -4.10
CA ILE A 182 -26.81 12.47 -4.31
C ILE A 182 -26.43 12.21 -5.75
N LEU A 183 -26.96 11.14 -6.35
CA LEU A 183 -26.62 10.83 -7.73
C LEU A 183 -27.25 11.83 -8.69
N ASN A 184 -28.48 12.24 -8.43
CA ASN A 184 -29.11 13.32 -9.20
C ASN A 184 -28.74 14.69 -8.63
N LYS A 185 -27.45 14.95 -8.52
CA LYS A 185 -26.96 16.23 -8.01
C LYS A 185 -26.23 16.98 -9.11
N PRO A 186 -26.56 18.26 -9.32
CA PRO A 186 -25.89 19.02 -10.38
C PRO A 186 -24.43 19.25 -10.05
N GLY A 187 -23.59 19.23 -11.09
CA GLY A 187 -22.17 19.42 -10.88
C GLY A 187 -21.50 18.33 -10.08
N LEU A 188 -22.14 17.16 -9.96
CA LEU A 188 -21.58 16.07 -9.17
C LEU A 188 -20.17 15.72 -9.66
N LYS A 189 -19.28 15.47 -8.72
CA LYS A 189 -17.88 15.14 -8.99
C LYS A 189 -17.49 13.74 -8.56
N TYR A 190 -17.97 13.26 -7.41
CA TYR A 190 -17.67 11.91 -6.94
C TYR A 190 -18.94 11.29 -6.40
N LYS A 191 -19.33 10.15 -6.97
CA LYS A 191 -20.45 9.40 -6.43
C LYS A 191 -20.02 8.69 -5.15
N PRO A 192 -20.96 8.37 -4.27
CA PRO A 192 -20.59 7.65 -3.05
C PRO A 192 -20.07 6.25 -3.37
N VAL A 193 -18.87 5.95 -2.88
CA VAL A 193 -18.28 4.64 -3.14
C VAL A 193 -19.07 3.54 -2.45
N CYS A 194 -19.85 3.87 -1.42
CA CYS A 194 -20.51 2.85 -0.63
C CYS A 194 -21.69 3.45 0.10
N ASN A 195 -22.61 2.57 0.52
CA ASN A 195 -23.68 2.91 1.45
C ASN A 195 -23.66 1.86 2.56
N GLN A 196 -23.29 2.28 3.77
CA GLN A 196 -23.24 1.38 4.91
C GLN A 196 -24.59 1.39 5.62
N VAL A 197 -25.26 0.24 5.58
CA VAL A 197 -26.62 0.12 6.17
C VAL A 197 -26.69 -1.14 7.01
N GLU A 198 -27.71 -1.24 7.85
CA GLU A 198 -27.96 -2.46 8.61
C GLU A 198 -28.35 -3.58 7.66
N CYS A 199 -27.70 -4.73 7.81
CA CYS A 199 -27.94 -5.85 6.90
C CYS A 199 -27.60 -7.14 7.63
N HIS A 200 -28.50 -8.10 7.57
CA HIS A 200 -28.37 -9.40 8.24
C HIS A 200 -29.53 -10.27 7.78
N PRO A 201 -29.43 -11.60 7.91
CA PRO A 201 -30.47 -12.49 7.34
C PRO A 201 -31.89 -12.10 7.69
N TYR A 202 -32.14 -11.51 8.87
CA TYR A 202 -33.47 -11.05 9.22
C TYR A 202 -33.86 -9.75 8.54
N PHE A 203 -32.88 -9.01 8.00
CA PHE A 203 -33.13 -7.75 7.28
C PHE A 203 -32.03 -7.62 6.22
N ASN A 204 -32.30 -8.10 5.01
CA ASN A 204 -31.20 -8.37 4.07
C ASN A 204 -31.05 -7.35 2.94
N ARG A 205 -31.91 -6.33 2.88
CA ARG A 205 -31.73 -5.20 1.97
C ARG A 205 -31.62 -5.64 0.51
N SER A 206 -32.38 -6.67 0.13
CA SER A 206 -32.22 -7.25 -1.19
C SER A 206 -32.56 -6.25 -2.29
N LYS A 207 -33.63 -5.47 -2.12
CA LYS A 207 -33.98 -4.49 -3.14
C LYS A 207 -33.00 -3.32 -3.13
N LEU A 208 -32.53 -2.91 -1.95
CA LEU A 208 -31.55 -1.83 -1.88
C LEU A 208 -30.21 -2.27 -2.43
N LEU A 209 -29.83 -3.53 -2.18
CA LEU A 209 -28.57 -4.05 -2.69
C LEU A 209 -28.57 -4.10 -4.22
N ASP A 210 -29.69 -4.51 -4.81
CA ASP A 210 -29.79 -4.50 -6.28
C ASP A 210 -29.60 -3.09 -6.82
N PHE A 211 -30.22 -2.10 -6.18
CA PHE A 211 -30.07 -0.71 -6.60
C PHE A 211 -28.62 -0.26 -6.51
N CYS A 212 -27.95 -0.59 -5.41
CA CYS A 212 -26.55 -0.20 -5.24
C CYS A 212 -25.66 -0.91 -6.26
N LYS A 213 -25.91 -2.20 -6.50
CA LYS A 213 -25.21 -2.91 -7.57
C LYS A 213 -25.38 -2.21 -8.90
N SER A 214 -26.58 -1.71 -9.17
CA SER A 214 -26.89 -1.03 -10.42
C SER A 214 -26.30 0.37 -10.51
N LYS A 215 -25.55 0.81 -9.50
CA LYS A 215 -24.90 2.13 -9.52
C LYS A 215 -23.42 2.05 -9.20
N ASP A 216 -22.82 0.86 -9.22
CA ASP A 216 -21.43 0.66 -8.83
C ASP A 216 -21.17 1.21 -7.43
N ILE A 217 -22.16 1.09 -6.55
CA ILE A 217 -22.07 1.49 -5.16
C ILE A 217 -22.05 0.23 -4.30
N VAL A 218 -21.08 0.14 -3.41
CA VAL A 218 -20.89 -1.04 -2.59
C VAL A 218 -21.76 -0.95 -1.34
N LEU A 219 -22.51 -2.00 -1.08
CA LEU A 219 -23.33 -2.08 0.15
C LEU A 219 -22.43 -2.66 1.24
N VAL A 220 -22.31 -1.94 2.36
CA VAL A 220 -21.53 -2.39 3.50
C VAL A 220 -22.51 -2.73 4.63
N ALA A 221 -22.42 -3.94 5.12
CA ALA A 221 -23.36 -4.41 6.14
C ALA A 221 -22.87 -4.18 7.57
N TYR A 222 -23.60 -3.40 8.32
CA TYR A 222 -23.37 -3.29 9.77
C TYR A 222 -24.44 -4.16 10.44
N SER A 223 -24.20 -4.55 11.69
CA SER A 223 -25.11 -5.45 12.46
C SER A 223 -25.33 -6.76 11.70
N ALA A 224 -24.33 -7.30 11.02
CA ALA A 224 -24.39 -8.56 10.24
C ALA A 224 -24.53 -9.75 11.19
N LEU A 225 -24.02 -9.63 12.41
CA LEU A 225 -24.09 -10.69 13.45
C LEU A 225 -25.37 -10.52 14.27
N GLY A 226 -26.17 -9.50 13.97
CA GLY A 226 -27.44 -9.32 14.69
C GLY A 226 -27.41 -8.23 15.74
N SER A 227 -26.37 -7.42 15.74
CA SER A 227 -26.19 -6.22 16.60
C SER A 227 -25.80 -6.52 18.04
N GLN A 228 -25.52 -5.47 18.79
CA GLN A 228 -25.08 -5.61 20.20
C GLN A 228 -26.28 -5.62 21.14
N ARG A 229 -27.49 -5.40 20.61
CA ARG A 229 -28.71 -5.40 21.44
C ARG A 229 -28.56 -4.45 22.62
N ASP A 230 -28.12 -3.23 22.38
CA ASP A 230 -27.99 -2.28 23.52
C ASP A 230 -29.40 -1.96 24.01
N LYS A 231 -29.54 -1.84 25.33
CA LYS A 231 -30.84 -1.63 25.93
C LYS A 231 -31.47 -0.31 25.47
N ARG A 232 -30.64 0.69 25.16
CA ARG A 232 -31.18 1.97 24.73
C ARG A 232 -31.86 1.92 23.36
N TRP A 233 -31.56 0.92 22.53
CA TRP A 233 -32.02 0.99 21.15
C TRP A 233 -32.63 -0.31 20.61
N VAL A 234 -32.78 -1.35 21.44
CA VAL A 234 -33.19 -2.67 20.95
C VAL A 234 -34.18 -3.30 21.93
N ASP A 235 -35.16 -4.02 21.41
CA ASP A 235 -36.14 -4.71 22.24
C ASP A 235 -35.59 -6.06 22.68
N PRO A 236 -35.52 -6.34 23.99
CA PRO A 236 -35.04 -7.66 24.44
C PRO A 236 -35.87 -8.83 23.92
N ASN A 237 -37.12 -8.60 23.52
CA ASN A 237 -37.94 -9.67 22.97
C ASN A 237 -37.67 -9.91 21.48
N SER A 238 -36.92 -9.02 20.82
CA SER A 238 -36.60 -9.21 19.42
C SER A 238 -35.77 -10.48 19.23
N PRO A 239 -35.93 -11.16 18.11
CA PRO A 239 -35.19 -12.41 17.88
C PRO A 239 -33.68 -12.18 17.88
N VAL A 240 -32.96 -13.08 18.53
CA VAL A 240 -31.50 -13.06 18.55
C VAL A 240 -31.03 -13.82 17.32
N LEU A 241 -30.39 -13.10 16.38
CA LEU A 241 -30.05 -13.69 15.08
C LEU A 241 -29.17 -14.92 15.24
N LEU A 242 -28.21 -14.88 16.15
CA LEU A 242 -27.30 -16.00 16.32
C LEU A 242 -27.94 -17.18 17.06
N GLU A 243 -29.25 -17.14 17.27
CA GLU A 243 -30.01 -18.26 17.80
C GLU A 243 -30.98 -18.84 16.78
N ASP A 244 -30.93 -18.38 15.53
CA ASP A 244 -31.79 -18.90 14.49
C ASP A 244 -31.52 -20.39 14.29
N PRO A 245 -32.56 -21.23 14.25
CA PRO A 245 -32.32 -22.65 13.99
C PRO A 245 -31.72 -22.93 12.61
N VAL A 246 -32.03 -22.10 11.61
CA VAL A 246 -31.46 -22.30 10.28
C VAL A 246 -29.97 -22.01 10.29
N LEU A 247 -29.57 -20.90 10.93
CA LEU A 247 -28.15 -20.58 11.01
C LEU A 247 -27.40 -21.58 11.86
N CYS A 248 -28.01 -22.02 12.97
CA CYS A 248 -27.37 -23.03 13.81
C CYS A 248 -27.27 -24.37 13.08
N ALA A 249 -28.20 -24.66 12.18
CA ALA A 249 -28.15 -25.92 11.44
C ALA A 249 -27.02 -25.93 10.43
N LEU A 250 -26.88 -24.85 9.66
CA LEU A 250 -25.81 -24.77 8.66
C LEU A 250 -24.43 -24.78 9.32
N ALA A 251 -24.32 -24.20 10.52
CA ALA A 251 -23.04 -24.21 11.22
C ALA A 251 -22.64 -25.62 11.63
N LYS A 252 -23.61 -26.51 11.83
CA LYS A 252 -23.28 -27.90 12.12
C LYS A 252 -22.91 -28.67 10.86
N LYS A 253 -23.61 -28.39 9.75
CA LYS A 253 -23.28 -29.03 8.48
C LYS A 253 -21.84 -28.73 8.06
N HIS A 254 -21.46 -27.45 8.10
CA HIS A 254 -20.13 -27.03 7.68
C HIS A 254 -19.10 -27.06 8.80
N LYS A 255 -19.50 -27.47 10.01
CA LYS A 255 -18.63 -27.44 11.19
C LYS A 255 -18.04 -26.04 11.38
N ARG A 256 -18.95 -25.09 11.57
CA ARG A 256 -18.61 -23.68 11.70
C ARG A 256 -19.49 -23.11 12.80
N THR A 257 -19.56 -21.78 12.88
CA THR A 257 -20.39 -21.13 13.88
C THR A 257 -21.48 -20.30 13.20
N PRO A 258 -22.60 -20.07 13.89
CA PRO A 258 -23.67 -19.25 13.29
C PRO A 258 -23.21 -17.89 12.81
N ALA A 259 -22.25 -17.27 13.50
CA ALA A 259 -21.71 -16.00 13.03
C ALA A 259 -21.00 -16.16 11.69
N LEU A 260 -20.20 -17.23 11.55
CA LEU A 260 -19.52 -17.48 10.28
C LEU A 260 -20.52 -17.69 9.15
N ILE A 261 -21.66 -18.32 9.44
CA ILE A 261 -22.68 -18.49 8.42
C ILE A 261 -23.24 -17.14 7.99
N ALA A 262 -23.52 -16.26 8.96
CA ALA A 262 -24.04 -14.94 8.63
C ALA A 262 -23.03 -14.11 7.84
N LEU A 263 -21.75 -14.20 8.21
CA LEU A 263 -20.73 -13.44 7.51
C LEU A 263 -20.52 -13.95 6.08
N ARG A 264 -20.50 -15.28 5.90
CA ARG A 264 -20.35 -15.84 4.57
C ARG A 264 -21.57 -15.54 3.69
N TYR A 265 -22.73 -15.36 4.31
CA TYR A 265 -23.94 -15.04 3.56
C TYR A 265 -23.80 -13.71 2.82
N GLN A 266 -23.23 -12.70 3.49
CA GLN A 266 -23.05 -11.40 2.85
C GLN A 266 -21.92 -11.44 1.83
N LEU A 267 -20.84 -12.17 2.13
CA LEU A 267 -19.69 -12.23 1.23
C LEU A 267 -20.03 -12.89 -0.10
N GLN A 268 -21.08 -13.70 -0.16
CA GLN A 268 -21.42 -14.43 -1.37
C GLN A 268 -22.55 -13.79 -2.16
N ARG A 269 -23.05 -12.64 -1.73
CA ARG A 269 -23.99 -11.85 -2.52
C ARG A 269 -23.44 -10.46 -2.82
N GLY A 270 -22.12 -10.30 -2.79
CA GLY A 270 -21.50 -9.03 -3.13
C GLY A 270 -21.61 -7.95 -2.08
N VAL A 271 -21.75 -8.33 -0.82
CA VAL A 271 -21.86 -7.37 0.28
C VAL A 271 -20.57 -7.38 1.07
N VAL A 272 -19.98 -6.19 1.26
CA VAL A 272 -18.89 -6.04 2.21
C VAL A 272 -19.48 -6.03 3.61
N VAL A 273 -18.93 -6.86 4.49
CA VAL A 273 -19.54 -7.13 5.79
C VAL A 273 -18.61 -6.65 6.89
N LEU A 274 -19.20 -6.05 7.92
CA LEU A 274 -18.50 -5.67 9.14
C LEU A 274 -18.82 -6.66 10.25
N ALA A 275 -17.95 -6.69 11.26
CA ALA A 275 -18.16 -7.57 12.40
C ALA A 275 -17.45 -6.98 13.60
N LYS A 276 -18.21 -6.59 14.61
CA LYS A 276 -17.66 -6.11 15.87
C LYS A 276 -17.43 -7.28 16.80
N SER A 277 -16.27 -7.27 17.46
CA SER A 277 -16.00 -8.23 18.53
C SER A 277 -14.89 -7.67 19.40
N TYR A 278 -15.12 -7.64 20.71
CA TYR A 278 -14.09 -7.32 21.68
C TYR A 278 -13.63 -8.56 22.44
N ASN A 279 -13.80 -9.74 21.83
CA ASN A 279 -13.41 -11.02 22.42
C ASN A 279 -12.37 -11.66 21.52
N GLU A 280 -11.17 -11.90 22.08
CA GLU A 280 -10.02 -12.29 21.27
C GLU A 280 -10.31 -13.50 20.39
N GLN A 281 -10.93 -14.54 20.97
CA GLN A 281 -11.18 -15.75 20.20
C GLN A 281 -12.20 -15.51 19.10
N ARG A 282 -13.28 -14.80 19.41
CA ARG A 282 -14.26 -14.50 18.37
C ARG A 282 -13.70 -13.56 17.31
N ILE A 283 -12.82 -12.63 17.71
CA ILE A 283 -12.08 -11.84 16.73
C ILE A 283 -11.31 -12.75 15.79
N ARG A 284 -10.51 -13.66 16.36
CA ARG A 284 -9.76 -14.61 15.55
C ARG A 284 -10.69 -15.57 14.81
N GLN A 285 -11.87 -15.85 15.36
CA GLN A 285 -12.80 -16.76 14.70
C GLN A 285 -13.38 -16.14 13.43
N ASN A 286 -13.53 -14.82 13.38
CA ASN A 286 -14.26 -14.19 12.29
C ASN A 286 -13.48 -14.16 10.99
N VAL A 287 -12.14 -14.15 11.05
CA VAL A 287 -11.35 -14.13 9.81
C VAL A 287 -11.48 -15.43 9.04
N GLN A 288 -11.96 -16.50 9.67
CA GLN A 288 -12.09 -17.79 9.04
C GLN A 288 -13.27 -17.88 8.08
N VAL A 289 -13.97 -16.77 7.85
CA VAL A 289 -15.06 -16.76 6.87
C VAL A 289 -14.56 -17.10 5.48
N PHE A 290 -13.27 -16.86 5.20
CA PHE A 290 -12.70 -17.15 3.89
C PHE A 290 -12.27 -18.61 3.73
N GLU A 291 -12.50 -19.46 4.73
CA GLU A 291 -12.04 -20.84 4.69
C GLU A 291 -13.11 -21.82 4.23
N PHE A 292 -14.36 -21.40 4.11
CA PHE A 292 -15.42 -22.30 3.68
C PHE A 292 -16.37 -21.55 2.75
N GLN A 293 -17.32 -22.28 2.20
CA GLN A 293 -18.21 -21.79 1.16
C GLN A 293 -19.64 -22.23 1.44
N LEU A 294 -20.60 -21.36 1.13
CA LEU A 294 -22.01 -21.70 1.23
C LEU A 294 -22.52 -22.19 -0.13
N THR A 295 -23.38 -23.19 -0.10
CA THR A 295 -23.95 -23.72 -1.33
C THR A 295 -25.13 -22.86 -1.78
N ALA A 296 -25.55 -23.07 -3.02
CA ALA A 296 -26.73 -22.37 -3.52
C ALA A 296 -27.96 -22.70 -2.71
N GLU A 297 -28.04 -23.93 -2.18
CA GLU A 297 -29.14 -24.29 -1.30
C GLU A 297 -29.04 -23.57 0.04
N ASP A 298 -27.83 -23.48 0.60
CA ASP A 298 -27.63 -22.75 1.84
C ASP A 298 -27.95 -21.28 1.66
N MET A 299 -27.60 -20.71 0.50
CA MET A 299 -27.83 -19.29 0.27
C MET A 299 -29.32 -18.97 0.20
N LYS A 300 -30.10 -19.80 -0.50
CA LYS A 300 -31.53 -19.56 -0.59
C LYS A 300 -32.27 -19.98 0.67
N ALA A 301 -31.66 -20.83 1.50
CA ALA A 301 -32.24 -21.11 2.82
C ALA A 301 -32.14 -19.89 3.72
N ILE A 302 -30.97 -19.26 3.76
CA ILE A 302 -30.83 -18.02 4.53
C ILE A 302 -31.66 -16.91 3.89
N ASP A 303 -31.79 -16.93 2.56
CA ASP A 303 -32.61 -15.93 1.86
C ASP A 303 -34.01 -15.86 2.43
N GLY A 304 -34.59 -17.01 2.77
CA GLY A 304 -35.96 -17.07 3.25
C GLY A 304 -36.17 -16.59 4.68
N LEU A 305 -35.11 -16.17 5.37
CA LEU A 305 -35.23 -15.70 6.74
C LEU A 305 -35.58 -14.23 6.84
N ASP A 306 -35.57 -13.49 5.72
CA ASP A 306 -35.86 -12.06 5.74
C ASP A 306 -37.24 -11.77 6.31
N ARG A 307 -37.29 -11.10 7.45
CA ARG A 307 -38.54 -10.65 8.04
C ARG A 307 -38.56 -9.14 8.27
N ASN A 308 -37.70 -8.40 7.57
CA ASN A 308 -37.65 -6.94 7.62
C ASN A 308 -37.59 -6.43 9.06
N LEU A 309 -36.52 -6.83 9.75
CA LEU A 309 -36.38 -6.59 11.18
C LEU A 309 -35.32 -5.52 11.42
N HIS A 310 -35.74 -4.35 11.84
CA HIS A 310 -34.83 -3.30 12.26
C HIS A 310 -34.43 -3.53 13.70
N TYR A 311 -33.16 -3.86 13.93
CA TYR A 311 -32.68 -3.96 15.30
C TYR A 311 -32.58 -2.58 15.94
N PHE A 312 -32.17 -1.58 15.16
CA PHE A 312 -32.27 -0.20 15.60
C PHE A 312 -33.71 0.27 15.42
N ASN A 313 -34.36 0.62 16.53
CA ASN A 313 -35.71 1.15 16.51
C ASN A 313 -35.77 2.37 17.41
N SER A 314 -36.27 3.49 16.88
CA SER A 314 -36.32 4.73 17.65
C SER A 314 -37.48 5.56 17.12
N ASP A 315 -38.57 5.59 17.90
CA ASP A 315 -39.69 6.47 17.57
C ASP A 315 -39.28 7.93 17.70
N SER A 316 -38.30 8.23 18.56
CA SER A 316 -37.81 9.60 18.68
C SER A 316 -37.26 10.11 17.36
N PHE A 317 -36.67 9.23 16.54
CA PHE A 317 -36.17 9.59 15.23
C PHE A 317 -37.13 9.20 14.10
N ALA A 318 -38.37 8.88 14.44
CA ALA A 318 -39.37 8.53 13.43
C ALA A 318 -40.03 9.77 12.82
N SER A 319 -39.88 10.93 13.43
CA SER A 319 -40.49 12.17 12.95
C SER A 319 -39.54 13.03 12.14
N HIS A 320 -38.35 12.52 11.82
CA HIS A 320 -37.43 13.38 11.07
C HIS A 320 -37.70 13.26 9.58
N PRO A 321 -37.70 14.39 8.86
CA PRO A 321 -38.02 14.35 7.43
C PRO A 321 -37.12 13.44 6.61
N ASN A 322 -35.89 13.20 7.05
CA ASN A 322 -34.94 12.39 6.30
C ASN A 322 -34.74 11.00 6.89
N TYR A 323 -35.62 10.56 7.79
CA TYR A 323 -35.51 9.24 8.37
C TYR A 323 -35.54 8.19 7.25
N PRO A 324 -34.58 7.26 7.22
CA PRO A 324 -34.31 6.51 5.98
C PRO A 324 -35.25 5.35 5.69
N TYR A 325 -36.03 4.89 6.65
CA TYR A 325 -36.78 3.65 6.43
C TYR A 325 -38.25 3.88 6.07
N GLN B 12 9.65 -5.06 5.99
CA GLN B 12 11.10 -5.09 6.02
C GLN B 12 11.66 -4.00 5.12
N CYS B 13 11.36 -2.75 5.44
CA CYS B 13 11.70 -1.62 4.58
C CYS B 13 12.57 -0.62 5.34
N VAL B 14 12.81 0.52 4.71
CA VAL B 14 13.56 1.62 5.31
C VAL B 14 12.91 2.92 4.87
N LYS B 15 12.80 3.86 5.80
CA LYS B 15 12.22 5.17 5.47
C LYS B 15 13.21 5.98 4.64
N LEU B 16 12.76 6.45 3.48
CA LEU B 16 13.57 7.32 2.64
C LEU B 16 13.43 8.77 3.10
N ASN B 17 14.35 9.61 2.63
CA ASN B 17 14.33 10.99 3.10
C ASN B 17 13.17 11.81 2.55
N ASP B 18 12.21 11.18 1.85
CA ASP B 18 11.00 11.86 1.40
C ASP B 18 9.73 11.27 2.00
N GLY B 19 9.85 10.36 2.96
CA GLY B 19 8.73 9.77 3.64
C GLY B 19 8.29 8.41 3.11
N HIS B 20 8.72 8.04 1.90
CA HIS B 20 8.36 6.75 1.34
C HIS B 20 9.31 5.68 1.84
N PHE B 21 8.91 4.41 1.66
CA PHE B 21 9.63 3.26 2.18
C PHE B 21 10.11 2.37 1.03
N MET B 22 11.32 1.84 1.17
CA MET B 22 11.93 0.99 0.15
C MET B 22 12.26 -0.37 0.74
N PRO B 23 11.72 -1.47 0.22
CA PRO B 23 12.10 -2.79 0.71
C PRO B 23 13.60 -3.03 0.56
N VAL B 24 14.21 -3.59 1.61
CA VAL B 24 15.67 -3.67 1.68
C VAL B 24 16.22 -4.73 0.73
N LEU B 25 15.40 -5.68 0.29
CA LEU B 25 15.82 -6.69 -0.67
C LEU B 25 15.08 -6.49 -1.98
N GLY B 26 15.82 -6.20 -3.04
CA GLY B 26 15.26 -5.93 -4.36
C GLY B 26 15.67 -6.99 -5.36
N PHE B 27 14.78 -7.27 -6.31
CA PHE B 27 15.03 -8.24 -7.36
C PHE B 27 15.62 -7.52 -8.57
N GLY B 28 16.79 -7.98 -9.02
CA GLY B 28 17.42 -7.44 -10.20
C GLY B 28 16.92 -8.17 -11.43
N THR B 29 16.57 -7.41 -12.47
CA THR B 29 15.89 -7.96 -13.63
C THR B 29 16.71 -7.91 -14.92
N TYR B 30 17.93 -7.41 -14.89
CA TYR B 30 18.70 -7.32 -16.12
C TYR B 30 19.22 -8.68 -16.55
N ALA B 31 19.08 -8.96 -17.84
CA ALA B 31 19.59 -10.16 -18.49
C ALA B 31 20.24 -9.77 -19.81
N PRO B 32 21.26 -10.50 -20.25
CA PRO B 32 21.96 -10.11 -21.48
C PRO B 32 21.01 -10.10 -22.65
N PRO B 33 21.29 -9.27 -23.67
CA PRO B 33 20.32 -9.07 -24.75
C PRO B 33 20.04 -10.30 -25.60
N GLU B 34 20.79 -11.39 -25.41
CA GLU B 34 20.49 -12.63 -26.13
C GLU B 34 19.56 -13.55 -25.36
N VAL B 35 19.29 -13.25 -24.10
CA VAL B 35 18.29 -14.00 -23.33
C VAL B 35 16.89 -13.62 -23.85
N PRO B 36 16.01 -14.58 -24.12
CA PRO B 36 14.68 -14.24 -24.65
C PRO B 36 13.93 -13.31 -23.70
N ARG B 37 13.25 -12.32 -24.29
CA ARG B 37 12.54 -11.33 -23.49
C ARG B 37 11.42 -11.94 -22.67
N SER B 38 10.96 -13.14 -23.03
CA SER B 38 9.86 -13.77 -22.32
C SER B 38 10.25 -14.11 -20.88
N LYS B 39 11.49 -14.53 -20.65
CA LYS B 39 11.87 -15.01 -19.33
C LYS B 39 11.89 -13.88 -18.29
N ALA B 40 12.01 -12.62 -18.71
CA ALA B 40 11.85 -11.52 -17.77
C ALA B 40 10.46 -11.54 -17.15
N LEU B 41 9.45 -11.91 -17.93
CA LEU B 41 8.09 -12.05 -17.40
C LEU B 41 8.00 -13.20 -16.41
N GLU B 42 8.58 -14.36 -16.76
CA GLU B 42 8.43 -15.54 -15.92
C GLU B 42 9.10 -15.35 -14.56
N VAL B 43 10.35 -14.87 -14.56
CA VAL B 43 11.09 -14.81 -13.30
C VAL B 43 10.60 -13.67 -12.42
N THR B 44 10.11 -12.58 -13.00
CA THR B 44 9.59 -11.49 -12.17
C THR B 44 8.31 -11.93 -11.44
N LYS B 45 7.49 -12.76 -12.08
CA LYS B 45 6.37 -13.38 -11.39
C LYS B 45 6.86 -14.33 -10.30
N LEU B 46 7.88 -15.15 -10.62
CA LEU B 46 8.45 -16.03 -9.62
C LEU B 46 9.02 -15.24 -8.44
N ALA B 47 9.69 -14.12 -8.72
CA ALA B 47 10.27 -13.32 -7.66
C ALA B 47 9.21 -12.77 -6.72
N ILE B 48 8.11 -12.25 -7.28
CA ILE B 48 7.03 -11.73 -6.45
C ILE B 48 6.40 -12.84 -5.63
N GLU B 49 6.12 -13.98 -6.28
CA GLU B 49 5.60 -15.14 -5.56
C GLU B 49 6.55 -15.58 -4.46
N ALA B 50 7.87 -15.53 -4.71
CA ALA B 50 8.84 -15.93 -3.71
C ALA B 50 8.81 -14.99 -2.49
N GLY B 51 8.59 -13.70 -2.72
CA GLY B 51 8.57 -12.76 -1.62
C GLY B 51 9.23 -11.43 -1.91
N PHE B 52 9.79 -11.28 -3.11
CA PHE B 52 10.36 -9.99 -3.49
C PHE B 52 9.25 -8.96 -3.67
N ARG B 53 9.48 -7.76 -3.15
CA ARG B 53 8.55 -6.65 -3.33
C ARG B 53 9.17 -5.44 -4.01
N HIS B 54 10.49 -5.38 -4.12
CA HIS B 54 11.20 -4.31 -4.80
C HIS B 54 11.77 -4.87 -6.09
N ILE B 55 11.36 -4.29 -7.21
CA ILE B 55 11.75 -4.74 -8.55
C ILE B 55 12.55 -3.63 -9.22
N ASP B 56 13.78 -3.94 -9.63
CA ASP B 56 14.70 -2.97 -10.22
C ASP B 56 14.78 -3.20 -11.73
N SER B 57 14.28 -2.24 -12.49
CA SER B 57 14.38 -2.27 -13.95
C SER B 57 14.98 -0.94 -14.43
N ALA B 58 15.08 -0.80 -15.75
CA ALA B 58 15.66 0.38 -16.37
C ALA B 58 15.35 0.37 -17.85
N HIS B 59 15.29 1.57 -18.45
CA HIS B 59 15.11 1.67 -19.89
C HIS B 59 16.21 0.94 -20.64
N LEU B 60 17.41 0.90 -20.08
CA LEU B 60 18.53 0.24 -20.73
C LEU B 60 18.30 -1.26 -20.87
N TYR B 61 17.56 -1.86 -19.95
CA TYR B 61 17.46 -3.32 -19.86
C TYR B 61 16.57 -3.93 -20.94
N ASN B 62 15.78 -3.13 -21.65
CA ASN B 62 14.88 -3.62 -22.70
C ASN B 62 13.97 -4.73 -22.16
N ASN B 63 13.44 -4.53 -20.95
CA ASN B 63 12.55 -5.52 -20.35
C ASN B 63 11.36 -4.90 -19.64
N GLU B 64 11.15 -3.58 -19.76
CA GLU B 64 10.11 -2.91 -18.98
C GLU B 64 8.72 -3.43 -19.35
N GLU B 65 8.49 -3.76 -20.61
CA GLU B 65 7.19 -4.28 -21.02
C GLU B 65 6.90 -5.61 -20.34
N GLN B 66 7.88 -6.50 -20.29
CA GLN B 66 7.69 -7.81 -19.68
C GLN B 66 7.68 -7.73 -18.15
N VAL B 67 8.47 -6.82 -17.57
CA VAL B 67 8.49 -6.67 -16.12
C VAL B 67 7.18 -6.06 -15.62
N GLY B 68 6.69 -5.03 -16.32
CA GLY B 68 5.42 -4.44 -15.95
C GLY B 68 4.25 -5.39 -16.11
N LEU B 69 4.31 -6.27 -17.12
CA LEU B 69 3.26 -7.26 -17.29
C LEU B 69 3.22 -8.24 -16.12
N ALA B 70 4.39 -8.62 -15.61
CA ALA B 70 4.43 -9.50 -14.44
C ALA B 70 3.85 -8.81 -13.22
N ILE B 71 4.17 -7.53 -13.03
CA ILE B 71 3.60 -6.79 -11.91
C ILE B 71 2.09 -6.65 -12.08
N ARG B 72 1.65 -6.32 -13.30
CA ARG B 72 0.21 -6.20 -13.54
C ARG B 72 -0.50 -7.53 -13.35
N SER B 73 0.14 -8.63 -13.74
CA SER B 73 -0.50 -9.94 -13.64
C SER B 73 -0.61 -10.41 -12.19
N LYS B 74 0.36 -10.05 -11.34
CA LYS B 74 0.30 -10.47 -9.95
C LYS B 74 -0.64 -9.59 -9.13
N ILE B 75 -0.84 -8.33 -9.55
CA ILE B 75 -1.88 -7.51 -8.94
C ILE B 75 -3.26 -8.02 -9.37
N ALA B 76 -3.39 -8.41 -10.64
CA ALA B 76 -4.71 -8.78 -11.16
C ALA B 76 -5.19 -10.12 -10.63
N ASP B 77 -4.27 -11.05 -10.33
CA ASP B 77 -4.69 -12.33 -9.78
C ASP B 77 -4.86 -12.27 -8.26
N GLY B 78 -4.70 -11.11 -7.66
CA GLY B 78 -4.95 -10.93 -6.24
C GLY B 78 -3.78 -11.24 -5.32
N SER B 79 -2.62 -11.61 -5.86
CA SER B 79 -1.50 -11.98 -5.01
C SER B 79 -0.96 -10.78 -4.26
N VAL B 80 -0.91 -9.62 -4.90
CA VAL B 80 -0.46 -8.37 -4.28
C VAL B 80 -1.32 -7.23 -4.80
N LYS B 81 -1.11 -6.05 -4.22
CA LYS B 81 -1.64 -4.82 -4.76
C LYS B 81 -0.48 -3.91 -5.13
N ARG B 82 -0.77 -2.89 -5.94
CA ARG B 82 0.28 -2.01 -6.46
C ARG B 82 1.11 -1.40 -5.34
N GLU B 83 0.46 -1.03 -4.23
CA GLU B 83 1.17 -0.41 -3.13
C GLU B 83 2.17 -1.35 -2.48
N ASP B 84 1.99 -2.67 -2.63
CA ASP B 84 2.96 -3.63 -2.11
C ASP B 84 4.21 -3.74 -2.96
N ILE B 85 4.17 -3.27 -4.21
CA ILE B 85 5.28 -3.41 -5.14
C ILE B 85 6.04 -2.09 -5.20
N PHE B 86 7.36 -2.17 -5.04
CA PHE B 86 8.26 -1.02 -5.19
C PHE B 86 9.01 -1.21 -6.49
N TYR B 87 8.58 -0.51 -7.53
CA TYR B 87 9.16 -0.65 -8.87
C TYR B 87 10.08 0.51 -9.17
N THR B 88 11.29 0.18 -9.66
CA THR B 88 12.31 1.18 -9.97
C THR B 88 12.58 1.21 -11.47
N SER B 89 12.67 2.40 -12.03
CA SER B 89 13.16 2.59 -13.38
C SER B 89 14.30 3.60 -13.36
N LYS B 90 15.01 3.69 -14.48
CA LYS B 90 16.19 4.55 -14.58
C LYS B 90 16.18 5.32 -15.89
N LEU B 91 16.54 6.59 -15.81
CA LEU B 91 16.69 7.44 -16.99
C LEU B 91 18.05 7.19 -17.64
N TRP B 92 18.04 6.84 -18.93
CA TRP B 92 19.31 6.52 -19.58
C TRP B 92 20.08 7.79 -19.93
N SER B 93 21.38 7.63 -20.12
CA SER B 93 22.29 8.74 -20.31
C SER B 93 22.03 9.53 -21.60
N THR B 94 21.27 8.97 -22.53
CA THR B 94 20.90 9.70 -23.74
C THR B 94 19.74 10.66 -23.52
N PHE B 95 19.19 10.74 -22.31
CA PHE B 95 18.05 11.59 -22.01
C PHE B 95 18.35 12.55 -20.87
N HIS B 96 19.61 12.93 -20.70
CA HIS B 96 19.98 13.85 -19.62
C HIS B 96 19.58 15.29 -19.88
N ARG B 97 19.41 15.67 -21.15
CA ARG B 97 18.93 17.02 -21.45
C ARG B 97 17.57 17.22 -20.79
N PRO B 98 17.36 18.34 -20.08
CA PRO B 98 16.17 18.46 -19.21
C PRO B 98 14.84 18.19 -19.92
N GLU B 99 14.72 18.59 -21.18
CA GLU B 99 13.47 18.42 -21.91
C GLU B 99 13.20 16.97 -22.30
N LEU B 100 14.16 16.07 -22.12
CA LEU B 100 13.98 14.65 -22.45
C LEU B 100 13.59 13.81 -21.25
N VAL B 101 13.61 14.36 -20.04
CA VAL B 101 13.48 13.56 -18.83
C VAL B 101 12.05 13.03 -18.68
N ARG B 102 11.08 13.93 -18.59
CA ARG B 102 9.70 13.49 -18.44
C ARG B 102 9.21 12.60 -19.58
N PRO B 103 9.49 12.91 -20.86
CA PRO B 103 9.10 11.96 -21.92
C PRO B 103 9.74 10.60 -21.79
N ALA B 104 10.99 10.53 -21.33
CA ALA B 104 11.63 9.23 -21.12
C ALA B 104 10.91 8.44 -20.05
N LEU B 105 10.61 9.08 -18.92
CA LEU B 105 9.85 8.41 -17.86
C LEU B 105 8.46 8.02 -18.34
N GLU B 106 7.79 8.93 -19.07
CA GLU B 106 6.46 8.62 -19.58
C GLU B 106 6.49 7.42 -20.53
N ASN B 107 7.55 7.31 -21.34
CA ASN B 107 7.67 6.16 -22.22
C ASN B 107 7.90 4.88 -21.44
N SER B 108 8.71 4.95 -20.37
CA SER B 108 8.88 3.79 -19.50
C SER B 108 7.56 3.40 -18.84
N LEU B 109 6.76 4.39 -18.45
CA LEU B 109 5.46 4.08 -17.85
C LEU B 109 4.53 3.46 -18.88
N LYS B 110 4.48 4.03 -20.09
CA LYS B 110 3.67 3.45 -21.15
C LYS B 110 4.10 2.01 -21.45
N LYS B 111 5.40 1.76 -21.49
CA LYS B 111 5.87 0.41 -21.77
C LYS B 111 5.48 -0.55 -20.65
N ALA B 112 5.82 -0.19 -19.41
CA ALA B 112 5.53 -1.05 -18.27
C ALA B 112 4.07 -1.02 -17.88
N GLN B 113 3.33 -0.06 -18.42
CA GLN B 113 1.87 0.09 -18.11
C GLN B 113 1.63 0.25 -16.59
N LEU B 114 2.31 1.22 -15.99
CA LEU B 114 2.14 1.63 -14.61
C LEU B 114 1.88 3.12 -14.61
N ASP B 115 0.99 3.56 -13.72
CA ASP B 115 0.69 4.97 -13.64
C ASP B 115 1.82 5.76 -12.97
N TYR B 116 2.73 5.07 -12.29
CA TYR B 116 3.87 5.73 -11.65
C TYR B 116 4.93 4.68 -11.36
N VAL B 117 6.14 5.15 -11.13
CA VAL B 117 7.20 4.32 -10.57
C VAL B 117 7.41 4.74 -9.13
N ASP B 118 7.79 3.78 -8.29
CA ASP B 118 8.12 4.14 -6.91
C ASP B 118 9.44 4.88 -6.83
N LEU B 119 10.36 4.58 -7.75
CA LEU B 119 11.69 5.19 -7.78
C LEU B 119 12.12 5.40 -9.22
N TYR B 120 12.57 6.62 -9.53
CA TYR B 120 13.16 6.93 -10.82
C TYR B 120 14.59 7.41 -10.59
N LEU B 121 15.54 6.78 -11.28
CA LEU B 121 16.95 7.06 -11.08
C LEU B 121 17.57 7.67 -12.32
N ILE B 122 18.57 8.52 -12.11
CA ILE B 122 19.55 8.82 -13.15
C ILE B 122 20.50 7.65 -13.21
N HIS B 123 20.53 6.96 -14.35
CA HIS B 123 21.29 5.71 -14.44
C HIS B 123 22.79 5.95 -14.30
N SER B 124 23.30 7.06 -14.82
CA SER B 124 24.73 7.31 -14.85
C SER B 124 24.96 8.81 -14.89
N PRO B 125 26.11 9.28 -14.40
CA PRO B 125 26.46 10.70 -14.60
C PRO B 125 27.08 10.99 -15.95
N MET B 126 27.46 9.97 -16.71
CA MET B 126 28.17 10.14 -17.98
C MET B 126 27.16 10.38 -19.08
N SER B 127 26.84 11.66 -19.30
CA SER B 127 25.89 12.03 -20.35
C SER B 127 26.39 11.56 -21.71
N LEU B 128 25.45 11.13 -22.55
CA LEU B 128 25.76 10.63 -23.87
C LEU B 128 24.97 11.42 -24.92
N LYS B 129 25.41 11.31 -26.17
CA LYS B 129 24.78 12.03 -27.27
C LYS B 129 23.30 11.66 -27.35
N PRO B 130 22.38 12.61 -27.28
CA PRO B 130 20.96 12.27 -27.38
C PRO B 130 20.62 11.69 -28.73
N GLY B 131 20.02 10.51 -28.71
CA GLY B 131 19.61 9.86 -29.94
C GLY B 131 18.69 8.70 -29.63
N GLU B 132 18.64 7.76 -30.57
CA GLU B 132 17.89 6.52 -30.38
C GLU B 132 18.75 5.38 -29.85
N GLU B 133 20.05 5.40 -30.12
CA GLU B 133 20.93 4.30 -29.75
C GLU B 133 21.39 4.46 -28.31
N LEU B 134 21.42 3.34 -27.58
CA LEU B 134 21.85 3.35 -26.18
C LEU B 134 23.32 3.75 -26.05
N SER B 135 24.11 3.50 -27.08
CA SER B 135 25.54 3.83 -27.07
C SER B 135 25.92 4.41 -28.42
N PRO B 136 25.77 5.72 -28.60
CA PRO B 136 26.14 6.33 -29.89
C PRO B 136 27.63 6.24 -30.14
N THR B 137 27.99 5.81 -31.35
CA THR B 137 29.38 5.68 -31.76
C THR B 137 29.57 6.34 -33.12
N ASP B 138 30.62 7.15 -33.24
CA ASP B 138 30.88 7.89 -34.47
C ASP B 138 31.49 6.95 -35.51
N GLU B 139 31.93 7.52 -36.64
CA GLU B 139 32.53 6.71 -37.69
C GLU B 139 33.80 6.01 -37.21
N ASN B 140 34.47 6.58 -36.21
CA ASN B 140 35.68 5.98 -35.66
C ASN B 140 35.36 4.76 -34.78
N GLY B 141 34.18 4.72 -34.19
CA GLY B 141 33.85 3.71 -33.22
C GLY B 141 34.01 4.15 -31.78
N LYS B 142 34.21 5.43 -31.54
CA LYS B 142 34.30 5.98 -30.20
C LYS B 142 32.92 6.34 -29.68
N VAL B 143 32.71 6.17 -28.37
CA VAL B 143 31.46 6.58 -27.76
C VAL B 143 31.35 8.09 -27.82
N ILE B 144 30.19 8.59 -28.26
CA ILE B 144 29.97 10.02 -28.42
C ILE B 144 29.41 10.55 -27.10
N PHE B 145 30.26 11.25 -26.35
CA PHE B 145 29.87 11.80 -25.07
C PHE B 145 29.04 13.06 -25.26
N ASP B 146 28.50 13.56 -24.15
CA ASP B 146 27.71 14.78 -24.16
C ASP B 146 28.10 15.64 -22.98
N ILE B 147 27.75 16.93 -23.06
CA ILE B 147 28.02 17.91 -22.02
C ILE B 147 26.68 18.44 -21.53
N VAL B 148 26.28 18.02 -20.34
CA VAL B 148 25.00 18.42 -19.75
C VAL B 148 25.22 18.73 -18.28
N ASP B 149 24.78 19.91 -17.85
CA ASP B 149 24.74 20.22 -16.42
C ASP B 149 23.79 19.24 -15.74
N LEU B 150 24.32 18.38 -14.89
CA LEU B 150 23.48 17.35 -14.28
C LEU B 150 22.54 17.92 -13.24
N CYS B 151 22.82 19.12 -12.72
CA CYS B 151 21.87 19.77 -11.81
C CYS B 151 20.60 20.14 -12.54
N THR B 152 20.68 20.40 -13.85
CA THR B 152 19.47 20.63 -14.64
C THR B 152 18.69 19.34 -14.83
N THR B 153 19.40 18.23 -15.04
CA THR B 153 18.73 16.93 -15.11
C THR B 153 17.96 16.65 -13.82
N TRP B 154 18.57 16.97 -12.67
CA TRP B 154 17.91 16.72 -11.40
C TRP B 154 16.64 17.55 -11.25
N GLU B 155 16.69 18.83 -11.68
CA GLU B 155 15.50 19.66 -11.62
C GLU B 155 14.37 19.06 -12.46
N ALA B 156 14.71 18.48 -13.60
CA ALA B 156 13.69 17.79 -14.39
C ALA B 156 13.18 16.55 -13.67
N MET B 157 14.04 15.86 -12.92
CA MET B 157 13.58 14.74 -12.09
C MET B 157 12.67 15.23 -10.98
N GLU B 158 13.04 16.33 -10.31
CA GLU B 158 12.19 16.91 -9.27
C GLU B 158 10.80 17.21 -9.83
N LYS B 159 10.73 17.70 -11.06
CA LYS B 159 9.45 17.97 -11.68
C LYS B 159 8.62 16.70 -11.85
N CYS B 160 9.27 15.59 -12.19
CA CYS B 160 8.56 14.32 -12.31
C CYS B 160 7.98 13.88 -10.97
N LYS B 161 8.63 14.21 -9.87
CA LYS B 161 8.11 13.84 -8.56
C LYS B 161 6.89 14.67 -8.20
N ASP B 162 6.89 15.96 -8.58
CA ASP B 162 5.73 16.81 -8.32
C ASP B 162 4.51 16.36 -9.11
N ALA B 163 4.72 15.81 -10.30
CA ALA B 163 3.62 15.35 -11.13
C ALA B 163 3.08 14.00 -10.70
N GLY B 164 3.70 13.35 -9.72
CA GLY B 164 3.27 12.03 -9.31
C GLY B 164 3.66 10.91 -10.25
N LEU B 165 4.53 11.17 -11.21
CA LEU B 165 5.01 10.11 -12.08
C LEU B 165 6.04 9.23 -11.38
N ALA B 166 6.75 9.77 -10.39
CA ALA B 166 7.68 9.01 -9.58
C ALA B 166 7.48 9.39 -8.12
N LYS B 167 7.19 8.41 -7.27
CA LYS B 167 7.01 8.68 -5.85
C LYS B 167 8.32 9.12 -5.20
N SER B 168 9.45 8.63 -5.72
CA SER B 168 10.77 9.01 -5.22
C SER B 168 11.73 9.11 -6.39
N ILE B 169 12.72 9.98 -6.23
CA ILE B 169 13.77 10.13 -7.24
C ILE B 169 15.12 9.94 -6.57
N GLY B 170 16.06 9.38 -7.32
CA GLY B 170 17.41 9.18 -6.84
C GLY B 170 18.40 9.14 -7.99
N VAL B 171 19.66 8.80 -7.70
CA VAL B 171 20.71 8.73 -8.69
C VAL B 171 21.37 7.35 -8.62
N SER B 172 22.25 7.10 -9.57
CA SER B 172 22.98 5.84 -9.61
C SER B 172 24.37 6.08 -10.21
N ASN B 173 25.36 5.35 -9.70
CA ASN B 173 26.75 5.45 -10.14
C ASN B 173 27.33 6.85 -9.91
N PHE B 174 26.78 7.57 -8.93
CA PHE B 174 27.35 8.84 -8.51
C PHE B 174 28.42 8.61 -7.46
N ASN B 175 29.49 9.40 -7.52
CA ASN B 175 30.48 9.38 -6.47
C ASN B 175 30.15 10.46 -5.45
N ARG B 176 30.96 10.55 -4.38
CA ARG B 176 30.72 11.57 -3.37
C ARG B 176 30.69 12.95 -3.99
N ARG B 177 31.65 13.26 -4.87
CA ARG B 177 31.76 14.60 -5.42
C ARG B 177 30.57 14.95 -6.31
N GLN B 178 30.10 14.00 -7.11
CA GLN B 178 28.88 14.24 -7.90
C GLN B 178 27.65 14.32 -7.00
N LEU B 179 27.64 13.57 -5.90
CA LEU B 179 26.53 13.66 -4.95
C LEU B 179 26.48 15.04 -4.29
N GLU B 180 27.64 15.57 -3.89
CA GLU B 180 27.66 16.90 -3.29
C GLU B 180 27.17 17.96 -4.29
N MET B 181 27.51 17.78 -5.57
CA MET B 181 27.03 18.69 -6.60
C MET B 181 25.51 18.82 -6.60
N ILE B 182 24.81 17.73 -6.28
CA ILE B 182 23.35 17.80 -6.20
C ILE B 182 22.90 18.33 -4.84
N LEU B 183 23.60 17.94 -3.77
CA LEU B 183 23.19 18.35 -2.42
C LEU B 183 23.41 19.84 -2.21
N ASN B 184 24.53 20.38 -2.68
CA ASN B 184 24.87 21.79 -2.51
C ASN B 184 24.26 22.68 -3.59
N LYS B 185 23.35 22.16 -4.39
CA LYS B 185 22.88 22.89 -5.56
C LYS B 185 21.82 23.92 -5.17
N PRO B 186 21.96 25.17 -5.58
CA PRO B 186 21.03 26.22 -5.13
C PRO B 186 19.63 26.00 -5.68
N GLY B 187 18.64 26.11 -4.81
CA GLY B 187 17.27 25.86 -5.18
C GLY B 187 16.82 24.42 -5.04
N LEU B 188 17.65 23.56 -4.45
CA LEU B 188 17.33 22.15 -4.29
C LEU B 188 15.98 21.96 -3.60
N LYS B 189 15.16 21.06 -4.15
CA LYS B 189 13.84 20.76 -3.61
C LYS B 189 13.77 19.39 -2.97
N TYR B 190 14.16 18.35 -3.69
CA TYR B 190 14.27 17.00 -3.15
C TYR B 190 15.68 16.49 -3.37
N LYS B 191 16.32 16.00 -2.31
CA LYS B 191 17.60 15.35 -2.45
C LYS B 191 17.40 13.90 -2.86
N PRO B 192 18.42 13.27 -3.44
CA PRO B 192 18.25 11.87 -3.89
C PRO B 192 17.98 10.95 -2.71
N VAL B 193 16.88 10.20 -2.80
CA VAL B 193 16.55 9.25 -1.75
C VAL B 193 17.54 8.11 -1.69
N CYS B 194 18.32 7.89 -2.74
CA CYS B 194 19.22 6.74 -2.78
C CYS B 194 20.30 6.99 -3.83
N ASN B 195 21.33 6.15 -3.79
CA ASN B 195 22.42 6.18 -4.76
C ASN B 195 22.82 4.74 -5.07
N GLN B 196 22.25 4.19 -6.15
CA GLN B 196 22.51 2.80 -6.52
C GLN B 196 23.91 2.67 -7.13
N VAL B 197 24.77 1.89 -6.48
CA VAL B 197 26.16 1.75 -6.90
C VAL B 197 26.59 0.30 -6.79
N GLU B 198 27.67 -0.02 -7.50
CA GLU B 198 28.31 -1.33 -7.36
C GLU B 198 28.87 -1.48 -5.95
N CYS B 199 28.47 -2.55 -5.26
CA CYS B 199 28.87 -2.71 -3.87
C CYS B 199 28.75 -4.18 -3.48
N HIS B 200 29.81 -4.71 -2.87
CA HIS B 200 29.91 -6.12 -2.45
C HIS B 200 31.12 -6.24 -1.52
N PRO B 201 31.39 -7.42 -0.92
CA PRO B 201 32.55 -7.53 -0.02
C PRO B 201 33.86 -7.05 -0.62
N TYR B 202 34.05 -7.22 -1.93
CA TYR B 202 35.29 -6.79 -2.57
C TYR B 202 35.31 -5.30 -2.86
N PHE B 203 34.16 -4.64 -2.89
CA PHE B 203 34.04 -3.21 -3.17
C PHE B 203 33.05 -2.55 -2.21
N ASN B 204 33.18 -2.81 -0.91
CA ASN B 204 32.11 -2.50 0.04
C ASN B 204 31.78 -1.00 0.18
N ARG B 205 32.47 -0.09 -0.54
CA ARG B 205 32.12 1.33 -0.56
C ARG B 205 32.04 1.94 0.84
N SER B 206 33.01 1.61 1.70
CA SER B 206 32.94 2.03 3.09
C SER B 206 32.84 3.54 3.21
N LYS B 207 33.71 4.28 2.50
CA LYS B 207 33.69 5.73 2.58
C LYS B 207 32.40 6.29 2.00
N LEU B 208 31.99 5.81 0.82
CA LEU B 208 30.75 6.30 0.22
C LEU B 208 29.54 5.93 1.09
N LEU B 209 29.56 4.74 1.69
CA LEU B 209 28.49 4.35 2.60
C LEU B 209 28.32 5.37 3.72
N ASP B 210 29.43 5.71 4.39
CA ASP B 210 29.35 6.63 5.52
C ASP B 210 28.89 8.01 5.09
N PHE B 211 29.40 8.52 3.97
CA PHE B 211 28.93 9.80 3.45
C PHE B 211 27.43 9.73 3.15
N CYS B 212 26.99 8.65 2.50
CA CYS B 212 25.56 8.48 2.24
C CYS B 212 24.78 8.37 3.55
N LYS B 213 25.28 7.59 4.50
CA LYS B 213 24.68 7.52 5.81
C LYS B 213 24.53 8.92 6.42
N SER B 214 25.57 9.74 6.31
CA SER B 214 25.59 11.05 6.94
C SER B 214 24.63 12.05 6.31
N LYS B 215 24.07 11.74 5.14
CA LYS B 215 23.13 12.63 4.46
C LYS B 215 21.75 12.01 4.32
N ASP B 216 21.49 10.88 4.98
CA ASP B 216 20.22 10.15 4.84
C ASP B 216 19.92 9.83 3.38
N ILE B 217 20.96 9.51 2.63
CA ILE B 217 20.84 8.96 1.29
C ILE B 217 21.13 7.46 1.39
N VAL B 218 20.14 6.65 1.00
CA VAL B 218 20.31 5.20 1.08
C VAL B 218 21.29 4.73 0.03
N LEU B 219 22.18 3.81 0.41
CA LEU B 219 23.07 3.16 -0.53
C LEU B 219 22.40 1.89 -1.03
N VAL B 220 22.32 1.74 -2.35
CA VAL B 220 21.73 0.56 -2.99
C VAL B 220 22.83 -0.16 -3.74
N ALA B 221 22.99 -1.45 -3.44
CA ALA B 221 24.07 -2.26 -4.02
C ALA B 221 23.64 -3.07 -5.24
N TYR B 222 24.37 -2.89 -6.32
CA TYR B 222 24.21 -3.69 -7.55
C TYR B 222 25.48 -4.54 -7.71
N SER B 223 25.36 -5.66 -8.42
CA SER B 223 26.45 -6.67 -8.59
C SER B 223 26.91 -7.14 -7.20
N ALA B 224 25.98 -7.34 -6.26
CA ALA B 224 26.27 -7.73 -4.87
C ALA B 224 26.72 -9.20 -4.77
N LEU B 225 26.40 -10.00 -5.79
CA LEU B 225 26.76 -11.43 -5.89
C LEU B 225 28.00 -11.57 -6.78
N GLY B 226 28.65 -10.45 -7.07
CA GLY B 226 29.89 -10.47 -7.85
C GLY B 226 29.67 -10.25 -9.32
N SER B 227 28.45 -9.86 -9.71
CA SER B 227 27.98 -9.54 -11.09
C SER B 227 27.65 -10.79 -11.90
N GLN B 228 27.16 -10.58 -13.10
CA GLN B 228 26.82 -11.69 -14.01
C GLN B 228 28.06 -12.10 -14.81
N ARG B 229 29.12 -11.28 -14.72
CA ARG B 229 30.45 -11.50 -15.34
C ARG B 229 30.32 -11.55 -16.85
N ASP B 230 29.57 -10.63 -17.42
CA ASP B 230 29.49 -10.61 -18.88
C ASP B 230 30.88 -10.33 -19.45
N LYS B 231 31.36 -11.25 -20.29
CA LYS B 231 32.69 -11.11 -20.87
C LYS B 231 32.86 -9.82 -21.65
N ARG B 232 31.76 -9.15 -22.01
CA ARG B 232 31.85 -7.87 -22.69
C ARG B 232 32.25 -6.72 -21.78
N TRP B 233 32.29 -6.94 -20.45
CA TRP B 233 32.68 -5.87 -19.54
C TRP B 233 33.56 -6.33 -18.38
N VAL B 234 33.97 -7.60 -18.33
CA VAL B 234 34.78 -8.10 -17.23
C VAL B 234 35.86 -9.02 -17.77
N ASP B 235 36.97 -9.11 -17.01
CA ASP B 235 38.01 -10.09 -17.28
C ASP B 235 37.68 -11.39 -16.55
N PRO B 236 37.63 -12.52 -17.26
CA PRO B 236 37.32 -13.79 -16.58
C PRO B 236 38.36 -14.20 -15.55
N ASN B 237 39.55 -13.60 -15.58
CA ASN B 237 40.56 -13.87 -14.55
C ASN B 237 40.32 -13.06 -13.28
N SER B 238 39.39 -12.10 -13.31
CA SER B 238 39.06 -11.36 -12.10
C SER B 238 38.39 -12.29 -11.08
N PRO B 239 38.53 -11.99 -9.79
CA PRO B 239 38.00 -12.90 -8.76
C PRO B 239 36.51 -13.13 -8.91
N VAL B 240 36.09 -14.36 -8.64
CA VAL B 240 34.68 -14.72 -8.58
C VAL B 240 34.23 -14.58 -7.13
N LEU B 241 33.35 -13.61 -6.87
CA LEU B 241 33.00 -13.27 -5.50
C LEU B 241 32.35 -14.43 -4.76
N LEU B 242 31.69 -15.34 -5.49
CA LEU B 242 31.02 -16.47 -4.85
C LEU B 242 32.00 -17.56 -4.41
N GLU B 243 33.24 -17.52 -4.87
CA GLU B 243 34.22 -18.57 -4.60
C GLU B 243 35.28 -18.15 -3.60
N ASP B 244 35.01 -17.10 -2.81
CA ASP B 244 36.03 -16.78 -1.82
C ASP B 244 35.82 -17.60 -0.56
N PRO B 245 36.91 -18.08 0.06
CA PRO B 245 36.75 -18.97 1.22
C PRO B 245 36.04 -18.32 2.39
N VAL B 246 36.12 -17.00 2.53
CA VAL B 246 35.53 -16.35 3.71
C VAL B 246 34.00 -16.43 3.66
N LEU B 247 33.40 -16.36 2.47
CA LEU B 247 31.95 -16.52 2.37
C LEU B 247 31.55 -17.97 2.57
N CYS B 248 32.24 -18.90 1.89
CA CYS B 248 31.91 -20.31 2.03
C CYS B 248 32.08 -20.79 3.47
N ALA B 249 33.07 -20.26 4.18
CA ALA B 249 33.28 -20.65 5.57
C ALA B 249 32.09 -20.26 6.44
N LEU B 250 31.75 -18.96 6.44
CA LEU B 250 30.61 -18.51 7.23
C LEU B 250 29.30 -19.10 6.71
N ALA B 251 29.24 -19.45 5.42
CA ALA B 251 28.10 -20.19 4.91
C ALA B 251 28.02 -21.57 5.53
N LYS B 252 29.16 -22.26 5.60
CA LYS B 252 29.18 -23.59 6.20
C LYS B 252 28.86 -23.53 7.69
N LYS B 253 29.25 -22.46 8.37
CA LYS B 253 28.92 -22.31 9.79
C LYS B 253 27.43 -22.10 9.99
N HIS B 254 26.85 -21.17 9.24
CA HIS B 254 25.42 -20.86 9.37
C HIS B 254 24.54 -21.80 8.55
N LYS B 255 25.13 -22.81 7.89
CA LYS B 255 24.38 -23.76 7.06
C LYS B 255 23.63 -23.04 5.95
N ARG B 256 24.26 -22.03 5.37
CA ARG B 256 23.72 -21.23 4.28
C ARG B 256 24.64 -21.32 3.06
N THR B 257 24.35 -20.51 2.06
CA THR B 257 25.13 -20.43 0.83
C THR B 257 25.94 -19.15 0.79
N PRO B 258 27.01 -19.10 -0.03
CA PRO B 258 27.83 -17.88 -0.06
C PRO B 258 27.08 -16.63 -0.46
N ALA B 259 26.14 -16.76 -1.42
CA ALA B 259 25.36 -15.60 -1.85
C ALA B 259 24.55 -15.03 -0.70
N LEU B 260 23.96 -15.89 0.13
CA LEU B 260 23.18 -15.42 1.27
C LEU B 260 24.06 -14.66 2.27
N ILE B 261 25.34 -15.02 2.37
CA ILE B 261 26.25 -14.27 3.22
C ILE B 261 26.48 -12.87 2.66
N ALA B 262 26.74 -12.78 1.35
CA ALA B 262 26.96 -11.48 0.73
C ALA B 262 25.74 -10.58 0.86
N LEU B 263 24.55 -11.16 0.83
CA LEU B 263 23.33 -10.36 0.97
C LEU B 263 23.09 -9.95 2.41
N ARG B 264 23.23 -10.89 3.36
CA ARG B 264 23.07 -10.56 4.77
C ARG B 264 24.12 -9.57 5.26
N TYR B 265 25.28 -9.53 4.59
CA TYR B 265 26.30 -8.57 4.96
C TYR B 265 25.83 -7.14 4.72
N GLN B 266 25.13 -6.92 3.61
CA GLN B 266 24.66 -5.57 3.30
C GLN B 266 23.50 -5.16 4.19
N LEU B 267 22.56 -6.08 4.44
CA LEU B 267 21.43 -5.75 5.30
C LEU B 267 21.87 -5.38 6.71
N GLN B 268 22.94 -6.01 7.20
CA GLN B 268 23.36 -5.81 8.59
C GLN B 268 24.14 -4.53 8.79
N ARG B 269 24.68 -3.93 7.73
CA ARG B 269 25.32 -2.61 7.83
C ARG B 269 24.45 -1.51 7.26
N GLY B 270 23.23 -1.81 6.83
CA GLY B 270 22.30 -0.80 6.38
C GLY B 270 22.27 -0.54 4.89
N VAL B 271 22.72 -1.47 4.06
CA VAL B 271 22.74 -1.31 2.62
C VAL B 271 21.56 -2.03 2.02
N VAL B 272 20.79 -1.34 1.19
CA VAL B 272 19.76 -1.99 0.39
C VAL B 272 20.44 -2.72 -0.76
N VAL B 273 20.08 -3.99 -0.95
CA VAL B 273 20.82 -4.88 -1.84
C VAL B 273 19.88 -5.42 -2.91
N LEU B 274 20.38 -5.48 -4.14
CA LEU B 274 19.69 -6.09 -5.27
C LEU B 274 20.31 -7.44 -5.58
N ALA B 275 19.49 -8.36 -6.07
CA ALA B 275 19.95 -9.71 -6.41
C ALA B 275 19.22 -10.16 -7.67
N LYS B 276 19.97 -10.32 -8.76
CA LYS B 276 19.42 -10.83 -10.00
C LYS B 276 19.55 -12.34 -10.04
N SER B 277 18.48 -13.02 -10.44
CA SER B 277 18.52 -14.46 -10.65
C SER B 277 17.38 -14.82 -11.60
N TYR B 278 17.70 -15.49 -12.70
CA TYR B 278 16.69 -15.99 -13.63
C TYR B 278 16.48 -17.49 -13.45
N ASN B 279 16.81 -18.03 -12.28
CA ASN B 279 16.64 -19.44 -11.95
C ASN B 279 15.67 -19.57 -10.80
N GLU B 280 14.65 -20.42 -10.96
CA GLU B 280 13.57 -20.51 -9.98
C GLU B 280 14.09 -20.86 -8.59
N GLN B 281 15.04 -21.80 -8.51
CA GLN B 281 15.52 -22.26 -7.21
C GLN B 281 16.27 -21.17 -6.47
N ARG B 282 17.16 -20.46 -7.16
CA ARG B 282 17.97 -19.45 -6.49
C ARG B 282 17.15 -18.21 -6.12
N ILE B 283 16.11 -17.91 -6.89
CA ILE B 283 15.22 -16.81 -6.54
C ILE B 283 14.59 -17.04 -5.17
N ARG B 284 13.98 -18.22 -5.00
CA ARG B 284 13.39 -18.58 -3.71
C ARG B 284 14.45 -18.80 -2.64
N GLN B 285 15.71 -18.98 -3.03
CA GLN B 285 16.77 -19.09 -2.04
C GLN B 285 17.19 -17.71 -1.53
N ASN B 286 17.24 -16.71 -2.42
CA ASN B 286 17.79 -15.41 -2.06
C ASN B 286 16.97 -14.71 -0.97
N VAL B 287 15.70 -15.05 -0.81
CA VAL B 287 14.88 -14.45 0.26
C VAL B 287 15.15 -15.08 1.62
N GLN B 288 15.98 -16.14 1.68
CA GLN B 288 16.38 -16.75 2.94
C GLN B 288 17.29 -15.86 3.78
N VAL B 289 17.63 -14.67 3.30
CA VAL B 289 18.56 -13.83 4.02
C VAL B 289 17.99 -13.36 5.35
N PHE B 290 16.66 -13.27 5.44
CA PHE B 290 16.02 -12.68 6.61
C PHE B 290 15.85 -13.66 7.77
N GLU B 291 16.16 -14.94 7.59
CA GLU B 291 15.90 -15.94 8.62
C GLU B 291 17.19 -16.39 9.33
N PHE B 292 18.21 -15.54 9.37
CA PHE B 292 19.38 -15.78 10.21
C PHE B 292 20.07 -14.46 10.48
N GLN B 293 21.04 -14.50 11.39
CA GLN B 293 21.77 -13.32 11.81
C GLN B 293 23.26 -13.58 11.75
N LEU B 294 24.01 -12.59 11.28
CA LEU B 294 25.46 -12.66 11.23
C LEU B 294 26.03 -11.91 12.43
N THR B 295 26.88 -12.59 13.20
CA THR B 295 27.39 -12.03 14.45
C THR B 295 28.33 -10.86 14.18
N ALA B 296 28.74 -10.19 15.26
CA ALA B 296 29.67 -9.07 15.13
C ALA B 296 31.02 -9.53 14.61
N GLU B 297 31.46 -10.73 15.02
CA GLU B 297 32.71 -11.26 14.50
C GLU B 297 32.59 -11.62 13.03
N ASP B 298 31.39 -11.97 12.57
CA ASP B 298 31.21 -12.27 11.16
C ASP B 298 31.34 -11.02 10.29
N MET B 299 30.79 -9.90 10.76
CA MET B 299 30.92 -8.64 10.02
C MET B 299 32.38 -8.23 9.88
N LYS B 300 33.16 -8.38 10.95
CA LYS B 300 34.57 -7.97 10.92
C LYS B 300 35.35 -8.76 9.87
N ALA B 301 35.04 -10.04 9.71
CA ALA B 301 35.74 -10.86 8.73
C ALA B 301 35.33 -10.50 7.31
N ILE B 302 34.08 -10.10 7.10
CA ILE B 302 33.66 -9.65 5.78
C ILE B 302 34.27 -8.29 5.47
N ASP B 303 34.33 -7.39 6.46
CA ASP B 303 34.86 -6.05 6.23
C ASP B 303 36.31 -6.08 5.77
N GLY B 304 37.06 -7.12 6.14
CA GLY B 304 38.43 -7.25 5.70
C GLY B 304 38.62 -7.76 4.29
N LEU B 305 37.53 -8.03 3.56
CA LEU B 305 37.60 -8.61 2.23
C LEU B 305 37.80 -7.57 1.14
N ASP B 306 37.79 -6.28 1.48
CA ASP B 306 37.86 -5.23 0.47
C ASP B 306 39.19 -5.27 -0.29
N ARG B 307 39.11 -5.17 -1.61
CA ARG B 307 40.29 -5.00 -2.44
C ARG B 307 40.09 -3.97 -3.54
N ASN B 308 39.01 -3.18 -3.48
CA ASN B 308 38.76 -2.06 -4.38
C ASN B 308 38.80 -2.51 -5.84
N LEU B 309 37.89 -3.41 -6.18
CA LEU B 309 37.81 -3.97 -7.53
C LEU B 309 36.43 -3.69 -8.09
N HIS B 310 36.38 -2.99 -9.22
CA HIS B 310 35.14 -2.82 -9.97
C HIS B 310 35.03 -3.97 -10.95
N TYR B 311 33.94 -4.72 -10.86
CA TYR B 311 33.67 -5.69 -11.91
C TYR B 311 33.35 -5.00 -13.22
N PHE B 312 32.62 -3.89 -13.17
CA PHE B 312 32.43 -3.07 -14.35
C PHE B 312 33.73 -2.34 -14.66
N ASN B 313 34.38 -2.72 -15.74
CA ASN B 313 35.56 -2.01 -16.23
C ASN B 313 35.34 -1.67 -17.69
N SER B 314 35.74 -0.46 -18.06
CA SER B 314 35.69 -0.03 -19.46
C SER B 314 36.73 1.08 -19.62
N ASP B 315 37.86 0.74 -20.23
CA ASP B 315 38.81 1.79 -20.58
C ASP B 315 38.35 2.40 -21.90
N SER B 316 37.07 2.74 -21.95
CA SER B 316 36.45 3.54 -22.99
C SER B 316 35.50 4.60 -22.42
N PHE B 317 35.04 4.42 -21.18
CA PHE B 317 34.27 5.43 -20.47
C PHE B 317 35.10 6.17 -19.43
N ALA B 318 36.30 5.66 -19.10
CA ALA B 318 37.20 6.39 -18.21
C ALA B 318 37.60 7.73 -18.79
N SER B 319 37.44 7.93 -20.09
CA SER B 319 37.70 9.23 -20.70
C SER B 319 36.66 10.26 -20.29
N HIS B 320 35.45 9.82 -19.97
CA HIS B 320 34.35 10.74 -19.72
C HIS B 320 34.69 11.66 -18.55
N PRO B 321 34.39 12.97 -18.68
CA PRO B 321 34.59 13.87 -17.53
C PRO B 321 33.86 13.43 -16.27
N ASN B 322 32.69 12.82 -16.39
CA ASN B 322 31.90 12.41 -15.24
C ASN B 322 32.11 10.95 -14.86
N TYR B 323 33.20 10.34 -15.33
CA TYR B 323 33.50 8.95 -14.96
C TYR B 323 33.60 8.83 -13.45
N PRO B 324 32.84 7.92 -12.83
CA PRO B 324 32.74 7.93 -11.36
C PRO B 324 33.97 7.39 -10.64
N TYR B 325 34.92 6.80 -11.36
CA TYR B 325 36.05 6.13 -10.73
C TYR B 325 37.35 6.85 -11.06
N SER B 326 38.42 6.42 -10.40
CA SER B 326 39.75 7.03 -10.53
C SER B 326 39.73 8.52 -10.22
#